data_9E1K
#
_entry.id   9E1K
#
_cell.length_a   62.230
_cell.length_b   62.230
_cell.length_c   89.770
_cell.angle_alpha   90.00
_cell.angle_beta   90.00
_cell.angle_gamma   120.00
#
_symmetry.space_group_name_H-M   'P 31'
#
loop_
_entity.id
_entity.type
_entity.pdbx_description
1 polymer 'Isoform Short of Probable global transcription activator SNF2L2'
2 non-polymer (12S)-4-bromo-7,7-dimethyl-9-(piperidin-4-yl)indolo[1,2-a]quinazolin-5(7H)-one
3 non-polymer 'ZINC ION'
4 water water
#
_entity_poly.entity_id   1
_entity_poly.type   'polypeptide(L)'
_entity_poly.pdbx_seq_one_letter_code
;SMAEKLSPNPPKLTKQMNAIIDTVINYKDSSGRQLSEVFIQLPSRKELPEYYELIRKPVDFKKIKERIRNHKYRSLGDLE
KDVMLLCHNAQTFNLEGSQIYEDSIVLQSVFKSARQKIAKEEE
;
_entity_poly.pdbx_strand_id   A,B,C
#
# COMPACT_ATOMS: atom_id res chain seq x y z
N SER A 7 29.16 -24.48 -12.62
CA SER A 7 27.96 -23.86 -12.00
C SER A 7 26.76 -23.95 -12.96
N PRO A 8 25.73 -24.80 -12.70
CA PRO A 8 24.51 -24.84 -13.51
C PRO A 8 23.22 -24.21 -12.97
N ASN A 9 23.17 -24.01 -11.64
CA ASN A 9 21.98 -23.61 -10.88
C ASN A 9 21.41 -24.82 -10.16
N PRO A 10 21.53 -24.89 -8.82
CA PRO A 10 20.77 -25.88 -8.03
C PRO A 10 19.25 -25.67 -8.06
N PRO A 11 18.46 -26.77 -8.14
CA PRO A 11 17.01 -26.74 -7.91
C PRO A 11 16.41 -25.79 -6.87
N LYS A 12 17.06 -25.65 -5.70
CA LYS A 12 16.49 -24.85 -4.64
C LYS A 12 16.57 -23.37 -5.00
N LEU A 13 17.68 -22.95 -5.63
CA LEU A 13 17.78 -21.58 -6.09
C LEU A 13 16.61 -21.29 -7.03
N THR A 14 16.44 -22.17 -8.02
CA THR A 14 15.46 -22.02 -9.06
C THR A 14 14.07 -22.02 -8.44
N LYS A 15 13.86 -22.81 -7.39
CA LYS A 15 12.54 -22.85 -6.77
C LYS A 15 12.32 -21.52 -6.05
N GLN A 16 13.37 -21.05 -5.37
CA GLN A 16 13.33 -19.83 -4.60
C GLN A 16 12.91 -18.67 -5.50
N MET A 17 13.70 -18.45 -6.56
CA MET A 17 13.45 -17.36 -7.48
C MET A 17 12.01 -17.39 -7.95
N ASN A 18 11.58 -18.56 -8.44
CA ASN A 18 10.22 -18.74 -8.95
C ASN A 18 9.21 -18.31 -7.92
N ALA A 19 9.47 -18.63 -6.65
CA ALA A 19 8.56 -18.34 -5.55
C ALA A 19 8.48 -16.85 -5.32
N ILE A 20 9.66 -16.26 -5.34
CA ILE A 20 9.80 -14.86 -5.09
C ILE A 20 9.07 -14.12 -6.20
N ILE A 21 9.49 -14.38 -7.44
CA ILE A 21 8.88 -13.72 -8.60
C ILE A 21 7.39 -14.09 -8.72
N ASP A 22 6.99 -15.31 -8.33
CA ASP A 22 5.57 -15.67 -8.22
C ASP A 22 4.84 -14.76 -7.21
N THR A 23 5.47 -14.42 -6.06
CA THR A 23 4.86 -13.60 -5.02
C THR A 23 4.62 -12.18 -5.50
N VAL A 24 5.58 -11.68 -6.28
CA VAL A 24 5.53 -10.31 -6.81
C VAL A 24 4.40 -10.20 -7.81
N ILE A 25 4.19 -11.26 -8.60
CA ILE A 25 3.25 -11.20 -9.69
C ILE A 25 1.82 -11.30 -9.16
N ASN A 26 1.63 -12.13 -8.13
CA ASN A 26 0.30 -12.44 -7.63
C ASN A 26 -0.16 -11.43 -6.59
N TYR A 27 0.79 -10.68 -6.02
CA TYR A 27 0.49 -9.64 -5.06
C TYR A 27 -0.71 -8.79 -5.49
N LYS A 28 -1.51 -8.45 -4.49
CA LYS A 28 -2.64 -7.55 -4.63
C LYS A 28 -2.58 -6.52 -3.51
N ASP A 29 -3.07 -5.31 -3.77
CA ASP A 29 -3.11 -4.28 -2.73
C ASP A 29 -4.27 -4.59 -1.80
N SER A 30 -4.71 -3.60 -1.02
CA SER A 30 -5.80 -3.82 -0.09
C SER A 30 -7.12 -3.86 -0.86
N SER A 31 -7.17 -3.02 -1.91
CA SER A 31 -8.32 -2.84 -2.78
C SER A 31 -8.62 -4.07 -3.61
N GLY A 32 -7.67 -5.05 -3.64
CA GLY A 32 -7.86 -6.31 -4.33
C GLY A 32 -7.14 -6.36 -5.67
N ARG A 33 -6.37 -5.31 -6.01
CA ARG A 33 -5.82 -5.16 -7.35
C ARG A 33 -4.43 -5.81 -7.43
N GLN A 34 -4.12 -6.37 -8.61
CA GLN A 34 -2.83 -6.99 -8.86
C GLN A 34 -1.92 -6.00 -9.59
N LEU A 35 -0.90 -5.48 -8.87
CA LEU A 35 -0.11 -4.34 -9.35
C LEU A 35 0.71 -4.71 -10.60
N SER A 36 1.07 -5.98 -10.75
CA SER A 36 2.01 -6.43 -11.77
C SER A 36 1.39 -6.46 -13.18
N GLU A 37 0.07 -6.65 -13.26
CA GLU A 37 -0.64 -7.01 -14.48
C GLU A 37 -0.11 -6.28 -15.69
N VAL A 38 0.17 -4.96 -15.55
CA VAL A 38 0.49 -4.14 -16.70
C VAL A 38 1.92 -4.44 -17.15
N PHE A 39 2.72 -4.97 -16.21
CA PHE A 39 4.17 -5.15 -16.35
C PHE A 39 4.50 -6.56 -16.82
N ILE A 40 3.50 -7.39 -17.06
CA ILE A 40 3.74 -8.79 -17.39
C ILE A 40 4.26 -8.88 -18.83
N GLN A 41 3.65 -8.04 -19.68
CA GLN A 41 4.05 -8.00 -21.07
C GLN A 41 4.35 -6.57 -21.49
N LEU A 42 5.55 -6.39 -22.05
CA LEU A 42 5.93 -5.19 -22.78
C LEU A 42 4.92 -4.90 -23.88
N PRO A 43 4.65 -3.62 -24.14
CA PRO A 43 3.77 -3.20 -25.23
C PRO A 43 4.44 -3.49 -26.56
N SER A 44 3.60 -3.51 -27.58
CA SER A 44 4.00 -3.72 -28.95
C SER A 44 4.69 -2.45 -29.48
N ARG A 45 5.70 -2.61 -30.35
CA ARG A 45 6.32 -1.46 -30.99
C ARG A 45 5.31 -0.66 -31.83
N LYS A 46 4.09 -1.18 -32.02
CA LYS A 46 3.05 -0.52 -32.79
C LYS A 46 2.22 0.38 -31.88
N GLU A 47 1.90 -0.14 -30.69
CA GLU A 47 1.00 0.56 -29.79
C GLU A 47 1.76 1.65 -29.07
N LEU A 48 3.06 1.40 -28.79
CA LEU A 48 3.87 2.27 -27.95
C LEU A 48 5.32 2.32 -28.45
N PRO A 49 5.57 2.91 -29.63
CA PRO A 49 6.93 2.91 -30.19
C PRO A 49 7.89 3.81 -29.42
N GLU A 50 7.32 4.83 -28.76
CA GLU A 50 8.09 5.78 -27.96
C GLU A 50 8.79 5.04 -26.82
N TYR A 51 8.14 4.02 -26.24
CA TYR A 51 8.72 3.32 -25.11
C TYR A 51 10.10 2.76 -25.47
N TYR A 52 10.15 2.16 -26.66
CA TYR A 52 11.35 1.58 -27.26
C TYR A 52 12.26 2.62 -27.92
N GLU A 53 11.86 3.88 -27.99
CA GLU A 53 12.85 4.90 -28.27
C GLU A 53 13.47 5.34 -26.95
N LEU A 54 12.72 5.23 -25.86
CA LEU A 54 13.07 5.91 -24.61
C LEU A 54 13.76 4.95 -23.63
N ILE A 55 13.57 3.65 -23.81
CA ILE A 55 13.97 2.65 -22.85
C ILE A 55 15.06 1.78 -23.46
N ARG A 56 16.23 1.93 -22.85
CA ARG A 56 17.47 1.33 -23.31
C ARG A 56 17.37 -0.22 -23.27
N LYS A 57 16.90 -0.78 -22.16
CA LYS A 57 16.91 -2.24 -22.01
C LYS A 57 15.55 -2.70 -21.49
N PRO A 58 14.57 -3.03 -22.38
CA PRO A 58 13.22 -3.36 -21.97
C PRO A 58 13.07 -4.79 -21.44
N VAL A 59 12.37 -4.92 -20.34
CA VAL A 59 12.13 -6.19 -19.70
C VAL A 59 10.71 -6.19 -19.11
N ASP A 60 10.05 -7.36 -19.17
CA ASP A 60 8.76 -7.62 -18.54
C ASP A 60 8.88 -8.83 -17.64
N PHE A 61 7.80 -9.13 -16.88
CA PHE A 61 7.82 -10.27 -15.98
C PHE A 61 7.92 -11.59 -16.74
N LYS A 62 7.45 -11.63 -18.00
CA LYS A 62 7.49 -12.81 -18.83
C LYS A 62 8.95 -13.14 -19.14
N LYS A 63 9.75 -12.12 -19.40
CA LYS A 63 11.15 -12.33 -19.73
C LYS A 63 11.94 -12.78 -18.50
N ILE A 64 11.59 -12.24 -17.33
CA ILE A 64 12.29 -12.59 -16.10
C ILE A 64 12.11 -14.08 -15.81
N LYS A 65 10.87 -14.55 -15.97
CA LYS A 65 10.52 -15.96 -15.82
C LYS A 65 11.25 -16.84 -16.84
N GLU A 66 11.43 -16.33 -18.07
CA GLU A 66 12.18 -17.00 -19.13
C GLU A 66 13.61 -17.22 -18.65
N ARG A 67 14.17 -16.18 -18.03
CA ARG A 67 15.54 -16.16 -17.58
C ARG A 67 15.74 -17.10 -16.40
N ILE A 68 14.74 -17.22 -15.53
CA ILE A 68 14.83 -18.12 -14.40
C ILE A 68 14.78 -19.55 -14.92
N ARG A 69 13.79 -19.85 -15.74
CA ARG A 69 13.62 -21.19 -16.33
C ARG A 69 14.90 -21.64 -17.05
N ASN A 70 15.54 -20.71 -17.78
CA ASN A 70 16.74 -20.99 -18.54
C ASN A 70 18.00 -20.70 -17.70
N HIS A 71 17.87 -20.64 -16.38
CA HIS A 71 19.01 -20.63 -15.49
C HIS A 71 20.03 -19.53 -15.85
N LYS A 72 19.57 -18.35 -16.25
CA LYS A 72 20.45 -17.30 -16.72
C LYS A 72 20.83 -16.35 -15.59
N TYR A 73 20.05 -16.34 -14.49
CA TYR A 73 20.44 -15.64 -13.28
C TYR A 73 21.33 -16.59 -12.48
N ARG A 74 22.49 -16.10 -12.02
CA ARG A 74 23.47 -16.92 -11.33
C ARG A 74 23.28 -16.77 -9.81
N SER A 75 22.32 -15.93 -9.41
CA SER A 75 22.10 -15.55 -8.01
C SER A 75 20.77 -14.85 -7.88
N LEU A 76 20.31 -14.69 -6.63
CA LEU A 76 19.12 -13.91 -6.33
C LEU A 76 19.34 -12.43 -6.68
N GLY A 77 20.56 -11.93 -6.41
CA GLY A 77 20.97 -10.59 -6.75
C GLY A 77 21.01 -10.31 -8.25
N ASP A 78 21.21 -11.31 -9.10
CA ASP A 78 21.16 -11.07 -10.54
C ASP A 78 19.68 -10.89 -10.94
N LEU A 79 18.82 -11.65 -10.25
CA LEU A 79 17.39 -11.61 -10.47
C LEU A 79 16.91 -10.21 -10.12
N GLU A 80 17.15 -9.81 -8.87
CA GLU A 80 16.81 -8.50 -8.33
C GLU A 80 17.19 -7.36 -9.26
N LYS A 81 18.36 -7.49 -9.94
CA LYS A 81 18.91 -6.46 -10.83
C LYS A 81 18.03 -6.31 -12.07
N ASP A 82 17.31 -7.38 -12.44
CA ASP A 82 16.36 -7.33 -13.54
C ASP A 82 14.98 -6.86 -13.09
N VAL A 83 14.58 -7.16 -11.85
CA VAL A 83 13.34 -6.62 -11.30
C VAL A 83 13.45 -5.11 -11.19
N MET A 84 14.53 -4.61 -10.59
CA MET A 84 14.73 -3.17 -10.42
C MET A 84 14.88 -2.43 -11.76
N LEU A 85 15.42 -3.09 -12.78
CA LEU A 85 15.43 -2.50 -14.12
C LEU A 85 14.00 -2.29 -14.59
N LEU A 86 13.15 -3.26 -14.25
CA LEU A 86 11.78 -3.30 -14.71
C LEU A 86 11.08 -2.09 -14.12
N CYS A 87 11.18 -1.98 -12.80
CA CYS A 87 10.56 -0.90 -12.06
C CYS A 87 11.19 0.44 -12.43
N HIS A 88 12.50 0.43 -12.73
CA HIS A 88 13.22 1.62 -13.18
C HIS A 88 12.75 2.05 -14.57
N ASN A 89 12.67 1.11 -15.51
CA ASN A 89 12.10 1.41 -16.82
C ASN A 89 10.71 2.04 -16.63
N ALA A 90 9.95 1.49 -15.68
CA ALA A 90 8.59 1.98 -15.44
C ALA A 90 8.61 3.37 -14.84
N GLN A 91 9.61 3.66 -13.99
CA GLN A 91 9.71 4.97 -13.42
C GLN A 91 10.23 5.98 -14.45
N THR A 92 11.13 5.55 -15.34
CA THR A 92 11.62 6.38 -16.43
C THR A 92 10.47 6.81 -17.34
N PHE A 93 9.76 5.84 -17.91
CA PHE A 93 8.78 6.12 -18.95
C PHE A 93 7.50 6.79 -18.41
N ASN A 94 7.05 6.41 -17.21
CA ASN A 94 5.76 6.89 -16.73
C ASN A 94 5.99 8.12 -15.89
N LEU A 95 5.00 9.03 -15.87
CA LEU A 95 4.94 10.25 -15.10
C LEU A 95 4.98 9.95 -13.61
N GLU A 96 5.80 10.71 -12.87
CA GLU A 96 5.92 10.60 -11.42
C GLU A 96 4.56 10.87 -10.78
N GLY A 97 4.22 10.17 -9.72
CA GLY A 97 2.88 10.31 -9.14
C GLY A 97 1.78 9.65 -9.99
N SER A 98 2.09 9.07 -11.16
CA SER A 98 1.11 8.29 -11.91
C SER A 98 1.02 6.89 -11.30
N GLN A 99 -0.08 6.19 -11.54
CA GLN A 99 -0.36 5.01 -10.74
C GLN A 99 0.61 3.88 -11.09
N ILE A 100 1.03 3.85 -12.34
CA ILE A 100 1.95 2.84 -12.85
C ILE A 100 3.32 3.06 -12.19
N TYR A 101 3.71 4.33 -12.13
CA TYR A 101 4.95 4.78 -11.48
C TYR A 101 4.98 4.36 -10.02
N GLU A 102 3.88 4.62 -9.30
CA GLU A 102 3.70 4.23 -7.91
C GLU A 102 3.61 2.70 -7.76
N ASP A 103 3.03 2.06 -8.78
CA ASP A 103 2.90 0.61 -8.79
C ASP A 103 4.29 -0.03 -8.79
N SER A 104 5.20 0.50 -9.61
CA SER A 104 6.54 -0.04 -9.74
C SER A 104 7.31 0.09 -8.43
N ILE A 105 7.12 1.19 -7.70
CA ILE A 105 7.82 1.38 -6.44
C ILE A 105 7.37 0.38 -5.37
N VAL A 106 6.07 0.09 -5.28
CA VAL A 106 5.57 -0.88 -4.32
C VAL A 106 6.11 -2.26 -4.68
N LEU A 107 6.26 -2.53 -5.98
CA LEU A 107 6.68 -3.85 -6.44
C LEU A 107 8.16 -4.08 -6.13
N GLN A 108 8.97 -3.04 -6.25
CA GLN A 108 10.30 -3.04 -5.67
C GLN A 108 10.25 -3.59 -4.23
N SER A 109 9.44 -2.95 -3.37
CA SER A 109 9.30 -3.28 -1.97
C SER A 109 8.86 -4.73 -1.80
N VAL A 110 7.80 -5.13 -2.51
CA VAL A 110 7.20 -6.46 -2.39
C VAL A 110 8.23 -7.55 -2.68
N PHE A 111 9.12 -7.26 -3.66
CA PHE A 111 10.17 -8.17 -4.09
C PHE A 111 11.17 -8.37 -2.94
N LYS A 112 11.67 -7.26 -2.36
CA LYS A 112 12.54 -7.31 -1.18
C LYS A 112 11.94 -8.12 0.00
N SER A 113 10.69 -7.89 0.37
CA SER A 113 10.03 -8.64 1.43
C SER A 113 10.04 -10.13 1.11
N ALA A 114 9.47 -10.46 -0.07
CA ALA A 114 9.51 -11.80 -0.63
C ALA A 114 10.91 -12.40 -0.53
N ARG A 115 11.96 -11.62 -0.84
CA ARG A 115 13.32 -12.14 -0.84
C ARG A 115 13.78 -12.57 0.56
N GLN A 116 13.25 -11.95 1.63
CA GLN A 116 13.57 -12.29 3.01
C GLN A 116 12.68 -13.39 3.60
N LYS A 117 11.42 -13.44 3.18
CA LYS A 117 10.51 -14.46 3.66
C LYS A 117 10.84 -15.79 3.00
N ILE A 118 11.61 -15.76 1.90
CA ILE A 118 11.89 -16.97 1.13
C ILE A 118 13.39 -17.31 1.20
N ALA A 119 14.28 -16.32 1.33
CA ALA A 119 15.71 -16.58 1.47
C ALA A 119 16.37 -15.50 2.35
N PRO B 10 -13.28 -8.49 -17.33
CA PRO B 10 -14.00 -7.28 -16.94
C PRO B 10 -14.22 -6.40 -18.18
N PRO B 11 -15.43 -5.82 -18.37
CA PRO B 11 -15.66 -4.87 -19.48
C PRO B 11 -14.84 -3.58 -19.43
N LYS B 12 -14.83 -2.82 -20.54
CA LYS B 12 -14.13 -1.54 -20.60
C LYS B 12 -14.73 -0.49 -19.67
N LEU B 13 -16.05 -0.51 -19.41
CA LEU B 13 -16.68 0.42 -18.47
C LEU B 13 -16.20 0.17 -17.03
N THR B 14 -16.28 -1.10 -16.60
CA THR B 14 -15.70 -1.58 -15.36
C THR B 14 -14.26 -1.12 -15.19
N LYS B 15 -13.47 -1.26 -16.26
CA LYS B 15 -12.04 -1.01 -16.20
C LYS B 15 -11.78 0.50 -16.09
N GLN B 16 -12.69 1.31 -16.63
CA GLN B 16 -12.62 2.77 -16.62
C GLN B 16 -13.03 3.37 -15.27
N MET B 17 -14.18 2.95 -14.73
CA MET B 17 -14.60 3.32 -13.39
C MET B 17 -13.50 3.03 -12.36
N ASN B 18 -12.87 1.86 -12.42
CA ASN B 18 -11.81 1.50 -11.47
C ASN B 18 -10.64 2.47 -11.62
N ALA B 19 -10.18 2.64 -12.85
CA ALA B 19 -9.23 3.69 -13.19
C ALA B 19 -9.52 5.02 -12.47
N ILE B 20 -10.77 5.50 -12.57
CA ILE B 20 -11.19 6.79 -12.07
C ILE B 20 -11.17 6.82 -10.54
N ILE B 21 -11.91 5.88 -9.95
CA ILE B 21 -12.08 5.86 -8.51
C ILE B 21 -10.71 5.68 -7.84
N ASP B 22 -9.81 4.90 -8.45
CA ASP B 22 -8.47 4.66 -7.92
C ASP B 22 -7.57 5.89 -8.03
N THR B 23 -7.87 6.78 -8.99
CA THR B 23 -7.19 8.05 -9.10
C THR B 23 -7.58 8.96 -7.94
N VAL B 24 -8.89 8.96 -7.62
CA VAL B 24 -9.44 9.70 -6.48
C VAL B 24 -8.88 9.14 -5.18
N ILE B 25 -8.86 7.80 -5.05
CA ILE B 25 -8.32 7.18 -3.85
C ILE B 25 -6.81 7.41 -3.72
N ASN B 26 -6.02 7.39 -4.82
CA ASN B 26 -4.57 7.45 -4.71
C ASN B 26 -4.02 8.87 -4.84
N TYR B 27 -4.93 9.84 -5.00
CA TYR B 27 -4.57 11.23 -5.14
C TYR B 27 -4.00 11.76 -3.83
N LYS B 28 -2.86 12.47 -4.00
CA LYS B 28 -2.13 13.14 -2.94
C LYS B 28 -2.04 14.63 -3.26
N ASP B 29 -2.21 15.45 -2.22
CA ASP B 29 -2.07 16.90 -2.31
C ASP B 29 -0.59 17.29 -2.39
N SER B 30 -0.34 18.59 -2.52
CA SER B 30 1.02 19.11 -2.69
C SER B 30 1.97 18.80 -1.52
N SER B 31 1.44 18.41 -0.35
CA SER B 31 2.25 17.94 0.79
C SER B 31 2.55 16.44 0.75
N GLY B 32 1.89 15.64 -0.11
CA GLY B 32 2.04 14.19 -0.11
C GLY B 32 1.00 13.43 0.73
N ARG B 33 -0.04 14.07 1.27
CA ARG B 33 -1.07 13.36 2.02
C ARG B 33 -2.17 12.85 1.09
N GLN B 34 -2.64 11.61 1.34
CA GLN B 34 -3.71 11.00 0.56
C GLN B 34 -5.07 11.39 1.15
N LEU B 35 -5.85 12.19 0.43
CA LEU B 35 -6.97 12.88 1.05
C LEU B 35 -8.07 11.90 1.41
N SER B 36 -8.07 10.75 0.74
CA SER B 36 -9.18 9.80 0.77
C SER B 36 -9.14 8.91 2.02
N GLU B 37 -8.00 8.89 2.72
CA GLU B 37 -7.81 7.94 3.81
C GLU B 37 -9.05 7.83 4.71
N VAL B 38 -9.58 8.97 5.18
CA VAL B 38 -10.68 8.96 6.15
C VAL B 38 -12.00 8.51 5.49
N PHE B 39 -12.08 8.51 4.15
CA PHE B 39 -13.33 8.22 3.48
C PHE B 39 -13.43 6.76 3.05
N ILE B 40 -12.32 6.02 3.16
CA ILE B 40 -12.30 4.65 2.68
C ILE B 40 -13.43 3.89 3.38
N GLN B 41 -13.45 3.95 4.71
CA GLN B 41 -14.34 3.08 5.45
C GLN B 41 -15.19 3.85 6.47
N LEU B 42 -16.51 3.61 6.43
CA LEU B 42 -17.46 4.17 7.38
C LEU B 42 -17.13 3.58 8.73
N PRO B 43 -17.20 4.35 9.83
CA PRO B 43 -17.19 3.74 11.16
C PRO B 43 -18.47 2.91 11.28
N SER B 44 -18.45 1.92 12.19
CA SER B 44 -19.65 1.15 12.49
C SER B 44 -20.72 2.04 13.10
N ARG B 45 -21.96 1.54 13.03
CA ARG B 45 -23.09 2.19 13.66
C ARG B 45 -22.99 2.21 15.20
N LYS B 46 -22.04 1.47 15.77
CA LYS B 46 -21.87 1.40 17.22
C LYS B 46 -20.91 2.48 17.72
N GLU B 47 -19.79 2.66 17.00
CA GLU B 47 -18.74 3.59 17.38
C GLU B 47 -19.19 5.01 17.05
N LEU B 48 -19.80 5.19 15.89
CA LEU B 48 -20.24 6.54 15.56
C LEU B 48 -21.72 6.53 15.21
N PRO B 49 -22.62 6.43 16.20
CA PRO B 49 -24.05 6.32 15.92
C PRO B 49 -24.62 7.63 15.45
N GLU B 50 -24.03 8.75 15.87
CA GLU B 50 -24.57 10.06 15.49
C GLU B 50 -24.59 10.17 13.97
N TYR B 51 -23.45 9.82 13.34
CA TYR B 51 -23.30 9.84 11.89
C TYR B 51 -24.53 9.27 11.19
N TYR B 52 -25.01 8.12 11.66
CA TYR B 52 -25.99 7.32 10.94
C TYR B 52 -27.38 7.87 11.20
N GLU B 53 -27.52 8.63 12.30
CA GLU B 53 -28.73 9.33 12.70
C GLU B 53 -28.84 10.66 11.96
N LEU B 54 -27.72 11.19 11.48
CA LEU B 54 -27.71 12.42 10.71
C LEU B 54 -27.71 12.11 9.22
N ILE B 55 -27.22 10.93 8.79
CA ILE B 55 -26.93 10.64 7.39
C ILE B 55 -27.79 9.47 6.90
N ARG B 56 -28.59 9.73 5.85
CA ARG B 56 -29.70 8.89 5.44
C ARG B 56 -29.24 7.77 4.53
N LYS B 57 -28.22 8.07 3.70
CA LYS B 57 -27.68 7.10 2.77
C LYS B 57 -26.17 7.04 2.91
N PRO B 58 -25.62 6.28 3.91
CA PRO B 58 -24.17 6.20 4.13
C PRO B 58 -23.49 5.54 2.94
N VAL B 59 -22.28 6.01 2.65
CA VAL B 59 -21.47 5.41 1.63
C VAL B 59 -20.01 5.77 1.90
N ASP B 60 -19.10 4.84 1.55
CA ASP B 60 -17.66 5.01 1.65
C ASP B 60 -17.01 4.51 0.36
N PHE B 61 -15.68 4.56 0.26
CA PHE B 61 -14.99 4.18 -0.97
C PHE B 61 -14.98 2.66 -1.12
N LYS B 62 -14.84 1.92 -0.01
CA LYS B 62 -15.10 0.49 0.00
C LYS B 62 -16.44 0.16 -0.70
N LYS B 63 -17.49 0.91 -0.42
CA LYS B 63 -18.79 0.62 -0.98
C LYS B 63 -18.82 0.86 -2.50
N ILE B 64 -18.16 1.90 -2.98
CA ILE B 64 -18.25 2.32 -4.38
C ILE B 64 -17.47 1.34 -5.25
N LYS B 65 -16.35 0.85 -4.72
CA LYS B 65 -15.55 -0.17 -5.35
C LYS B 65 -16.30 -1.50 -5.42
N GLU B 66 -17.04 -1.85 -4.36
CA GLU B 66 -17.87 -3.05 -4.38
C GLU B 66 -18.89 -2.92 -5.51
N ARG B 67 -19.49 -1.74 -5.67
CA ARG B 67 -20.49 -1.51 -6.71
C ARG B 67 -19.88 -1.51 -8.11
N ILE B 68 -18.62 -1.07 -8.25
CA ILE B 68 -17.87 -1.22 -9.50
C ILE B 68 -17.60 -2.70 -9.79
N ARG B 69 -17.05 -3.41 -8.82
CA ARG B 69 -16.62 -4.79 -9.05
C ARG B 69 -17.81 -5.69 -9.42
N ASN B 70 -18.97 -5.42 -8.82
CA ASN B 70 -20.14 -6.27 -8.95
C ASN B 70 -21.08 -5.71 -10.00
N HIS B 71 -20.61 -4.76 -10.83
CA HIS B 71 -21.25 -4.42 -12.09
C HIS B 71 -22.57 -3.69 -11.81
N LYS B 72 -22.56 -2.74 -10.87
CA LYS B 72 -23.81 -2.24 -10.33
C LYS B 72 -24.06 -0.83 -10.84
N TYR B 73 -23.03 -0.19 -11.39
CA TYR B 73 -23.21 1.11 -12.01
C TYR B 73 -23.52 0.89 -13.49
N ARG B 74 -24.66 1.44 -13.92
CA ARG B 74 -25.10 1.38 -15.32
C ARG B 74 -24.31 2.38 -16.18
N SER B 75 -23.93 3.57 -15.65
CA SER B 75 -23.17 4.60 -16.38
C SER B 75 -22.11 5.29 -15.51
N LEU B 76 -21.26 6.10 -16.13
CA LEU B 76 -20.31 6.90 -15.38
C LEU B 76 -21.08 7.87 -14.49
N GLY B 77 -22.23 8.35 -15.00
CA GLY B 77 -23.11 9.23 -14.26
C GLY B 77 -23.64 8.63 -12.95
N ASP B 78 -23.78 7.30 -12.91
CA ASP B 78 -24.24 6.64 -11.70
C ASP B 78 -23.14 6.55 -10.65
N LEU B 79 -21.88 6.41 -11.09
CA LEU B 79 -20.72 6.39 -10.22
C LEU B 79 -20.49 7.77 -9.62
N GLU B 80 -20.46 8.79 -10.49
CA GLU B 80 -20.33 10.17 -10.09
C GLU B 80 -21.35 10.50 -8.98
N LYS B 81 -22.61 10.09 -9.18
CA LYS B 81 -23.69 10.39 -8.24
C LYS B 81 -23.40 9.84 -6.84
N ASP B 82 -22.71 8.70 -6.75
CA ASP B 82 -22.37 8.07 -5.50
C ASP B 82 -21.17 8.75 -4.84
N VAL B 83 -20.26 9.32 -5.63
CA VAL B 83 -19.10 10.04 -5.09
C VAL B 83 -19.54 11.37 -4.49
N MET B 84 -20.53 11.96 -5.14
CA MET B 84 -21.04 13.27 -4.78
C MET B 84 -21.83 13.16 -3.48
N LEU B 85 -22.66 12.12 -3.39
CA LEU B 85 -23.28 11.73 -2.13
C LEU B 85 -22.23 11.62 -1.04
N LEU B 86 -21.10 10.97 -1.34
CA LEU B 86 -20.06 10.72 -0.35
C LEU B 86 -19.60 12.06 0.22
N CYS B 87 -19.25 12.97 -0.69
CA CYS B 87 -18.75 14.28 -0.34
C CYS B 87 -19.86 15.09 0.32
N HIS B 88 -21.10 14.96 -0.17
CA HIS B 88 -22.20 15.63 0.47
C HIS B 88 -22.40 15.07 1.87
N ASN B 89 -22.16 13.75 2.05
CA ASN B 89 -22.26 13.10 3.36
C ASN B 89 -21.19 13.62 4.32
N ALA B 90 -19.98 13.92 3.81
CA ALA B 90 -18.88 14.38 4.65
C ALA B 90 -19.03 15.85 5.05
N GLN B 91 -19.77 16.59 4.23
CA GLN B 91 -19.95 18.03 4.38
C GLN B 91 -21.09 18.27 5.35
N THR B 92 -22.16 17.47 5.22
CA THR B 92 -23.22 17.37 6.20
C THR B 92 -22.67 17.13 7.61
N PHE B 93 -21.88 16.07 7.81
CA PHE B 93 -21.55 15.63 9.16
C PHE B 93 -20.41 16.44 9.76
N ASN B 94 -19.44 16.85 8.94
CA ASN B 94 -18.20 17.42 9.44
C ASN B 94 -18.37 18.93 9.44
N LEU B 95 -17.73 19.65 10.36
CA LEU B 95 -17.84 21.10 10.40
C LEU B 95 -17.36 21.69 9.09
N GLU B 96 -17.94 22.85 8.73
CA GLU B 96 -17.52 23.67 7.61
C GLU B 96 -16.11 24.17 7.92
N GLY B 97 -15.25 24.23 6.90
CA GLY B 97 -13.89 24.72 7.06
C GLY B 97 -12.99 23.80 7.90
N SER B 98 -13.46 22.58 8.22
CA SER B 98 -12.58 21.57 8.82
C SER B 98 -11.87 20.84 7.69
N GLN B 99 -10.84 20.05 8.02
CA GLN B 99 -9.97 19.45 7.02
C GLN B 99 -10.72 18.36 6.27
N ILE B 100 -11.57 17.58 6.95
CA ILE B 100 -12.36 16.53 6.31
C ILE B 100 -13.41 17.14 5.36
N TYR B 101 -14.12 18.18 5.82
CA TYR B 101 -15.03 18.96 4.98
C TYR B 101 -14.30 19.40 3.71
N GLU B 102 -13.16 20.07 3.90
CA GLU B 102 -12.36 20.63 2.83
C GLU B 102 -11.90 19.52 1.91
N ASP B 103 -11.53 18.34 2.47
CA ASP B 103 -10.92 17.29 1.66
C ASP B 103 -11.95 16.77 0.66
N SER B 104 -13.19 16.55 1.16
CA SER B 104 -14.29 16.10 0.34
C SER B 104 -14.51 17.05 -0.84
N ILE B 105 -14.30 18.36 -0.64
CA ILE B 105 -14.47 19.30 -1.74
C ILE B 105 -13.43 19.05 -2.81
N VAL B 106 -12.17 18.88 -2.42
CA VAL B 106 -11.10 18.69 -3.40
C VAL B 106 -11.33 17.37 -4.12
N LEU B 107 -11.81 16.35 -3.38
CA LEU B 107 -12.08 15.03 -3.94
C LEU B 107 -13.27 15.05 -4.90
N GLN B 108 -14.12 16.10 -4.85
CA GLN B 108 -15.16 16.35 -5.85
C GLN B 108 -14.52 16.76 -7.18
N SER B 109 -13.55 17.68 -7.12
CA SER B 109 -12.85 18.12 -8.31
C SER B 109 -12.03 16.96 -8.89
N VAL B 110 -11.21 16.29 -8.06
CA VAL B 110 -10.28 15.22 -8.46
C VAL B 110 -11.01 14.16 -9.28
N PHE B 111 -12.25 13.88 -8.87
CA PHE B 111 -13.08 12.92 -9.56
C PHE B 111 -13.43 13.41 -10.95
N LYS B 112 -13.92 14.63 -11.03
CA LYS B 112 -14.29 15.20 -12.32
C LYS B 112 -13.14 15.12 -13.33
N SER B 113 -11.92 15.52 -12.92
CA SER B 113 -10.76 15.55 -13.80
C SER B 113 -10.36 14.16 -14.26
N ALA B 114 -10.33 13.22 -13.30
CA ALA B 114 -10.04 11.83 -13.60
C ALA B 114 -11.07 11.32 -14.59
N ARG B 115 -12.33 11.63 -14.35
CA ARG B 115 -13.36 11.23 -15.30
C ARG B 115 -12.95 11.65 -16.72
N GLN B 116 -12.45 12.87 -16.90
CA GLN B 116 -12.18 13.44 -18.22
C GLN B 116 -10.89 12.86 -18.81
N LYS B 117 -9.80 12.85 -18.04
CA LYS B 117 -8.54 12.26 -18.48
C LYS B 117 -8.78 10.84 -18.99
N ILE B 118 -9.77 10.12 -18.42
CA ILE B 118 -9.88 8.68 -18.62
C ILE B 118 -11.02 8.34 -19.58
N ALA B 119 -12.17 9.01 -19.48
CA ALA B 119 -13.33 8.63 -20.30
C ALA B 119 -13.33 9.38 -21.62
N LYS B 120 -13.15 10.70 -21.58
CA LYS B 120 -13.07 11.47 -22.81
C LYS B 120 -11.65 11.38 -23.37
N LYS C 12 -6.41 -17.11 9.27
CA LYS C 12 -7.35 -16.03 8.87
C LYS C 12 -7.05 -14.76 9.65
N LEU C 13 -6.89 -14.92 10.97
CA LEU C 13 -6.43 -13.87 11.86
C LEU C 13 -4.92 -13.70 11.71
N THR C 14 -4.18 -14.81 11.57
CA THR C 14 -2.74 -14.78 11.40
C THR C 14 -2.41 -14.17 10.03
N LYS C 15 -3.26 -14.44 9.03
CA LYS C 15 -3.06 -13.90 7.70
C LYS C 15 -3.35 -12.40 7.69
N GLN C 16 -4.34 -11.99 8.48
CA GLN C 16 -4.66 -10.58 8.68
C GLN C 16 -3.49 -9.87 9.35
N MET C 17 -3.09 -10.40 10.53
CA MET C 17 -2.10 -9.72 11.36
C MET C 17 -0.84 -9.52 10.52
N ASN C 18 -0.40 -10.56 9.82
CA ASN C 18 0.79 -10.49 8.98
C ASN C 18 0.64 -9.40 7.92
N ALA C 19 -0.55 -9.27 7.32
CA ALA C 19 -0.75 -8.32 6.22
C ALA C 19 -0.73 -6.88 6.73
N ILE C 20 -1.20 -6.66 7.97
CA ILE C 20 -1.15 -5.35 8.58
C ILE C 20 0.31 -4.99 8.90
N ILE C 21 1.01 -5.88 9.61
CA ILE C 21 2.30 -5.50 10.18
C ILE C 21 3.27 -5.36 9.02
N ASP C 22 2.99 -6.10 7.94
CA ASP C 22 3.79 -6.00 6.73
C ASP C 22 3.52 -4.68 6.01
N THR C 23 2.33 -4.11 6.19
CA THR C 23 2.02 -2.80 5.60
C THR C 23 2.78 -1.73 6.37
N VAL C 24 2.89 -1.95 7.69
CA VAL C 24 3.49 -1.01 8.63
C VAL C 24 4.99 -0.95 8.36
N ILE C 25 5.59 -2.14 8.20
CA ILE C 25 7.01 -2.31 7.99
C ILE C 25 7.44 -1.75 6.63
N ASN C 26 6.71 -2.12 5.58
CA ASN C 26 7.04 -1.70 4.21
C ASN C 26 6.55 -0.30 3.89
N TYR C 27 5.82 0.33 4.82
CA TYR C 27 5.38 1.70 4.61
C TYR C 27 6.59 2.59 4.42
N LYS C 28 6.50 3.39 3.34
CA LYS C 28 7.47 4.41 2.99
C LYS C 28 6.73 5.73 2.81
N ASP C 29 7.35 6.84 3.23
CA ASP C 29 6.75 8.16 3.12
C ASP C 29 6.98 8.68 1.71
N SER C 30 6.63 9.96 1.46
CA SER C 30 7.05 10.63 0.25
C SER C 30 8.53 11.04 0.33
N SER C 31 9.35 10.65 -0.66
CA SER C 31 9.01 9.70 -1.71
C SER C 31 9.69 8.36 -1.42
N GLY C 32 10.48 8.33 -0.34
CA GLY C 32 11.61 7.43 -0.28
C GLY C 32 11.58 6.43 0.88
N ARG C 33 11.57 6.98 2.09
CA ARG C 33 12.14 6.31 3.25
C ARG C 33 11.13 5.43 3.97
N GLN C 34 11.61 4.24 4.35
CA GLN C 34 10.84 3.26 5.12
C GLN C 34 11.00 3.62 6.59
N LEU C 35 9.90 4.05 7.22
CA LEU C 35 9.96 4.63 8.56
C LEU C 35 10.31 3.56 9.59
N SER C 36 10.02 2.29 9.28
CA SER C 36 10.11 1.19 10.24
C SER C 36 11.56 0.77 10.50
N GLU C 37 12.44 1.05 9.53
CA GLU C 37 13.84 0.63 9.53
C GLU C 37 14.39 0.55 10.94
N VAL C 38 14.31 1.63 11.68
CA VAL C 38 15.12 1.69 12.88
C VAL C 38 14.57 0.74 13.95
N PHE C 39 13.27 0.42 13.90
CA PHE C 39 12.52 -0.26 14.96
C PHE C 39 12.50 -1.78 14.84
N ILE C 40 13.08 -2.31 13.75
CA ILE C 40 13.02 -3.71 13.38
C ILE C 40 13.72 -4.57 14.42
N GLN C 41 14.84 -4.08 14.95
CA GLN C 41 15.58 -4.78 15.99
C GLN C 41 16.09 -3.81 17.04
N LEU C 42 16.00 -4.23 18.31
CA LEU C 42 16.51 -3.49 19.45
C LEU C 42 18.02 -3.43 19.40
N PRO C 43 18.66 -2.36 19.89
CA PRO C 43 20.11 -2.36 20.00
C PRO C 43 20.40 -3.35 21.12
N SER C 44 21.59 -3.96 21.06
CA SER C 44 22.07 -4.84 22.10
C SER C 44 22.17 -4.07 23.42
N ARG C 45 22.05 -4.83 24.52
CA ARG C 45 22.04 -4.32 25.88
C ARG C 45 23.43 -3.76 26.23
N LYS C 46 24.44 -4.17 25.46
CA LYS C 46 25.83 -3.75 25.62
C LYS C 46 26.05 -2.40 24.92
N GLU C 47 25.62 -2.25 23.65
CA GLU C 47 25.88 -1.03 22.91
C GLU C 47 25.12 0.16 23.51
N LEU C 48 23.86 -0.09 23.93
CA LEU C 48 22.98 0.99 24.36
C LEU C 48 22.32 0.68 25.71
N PRO C 49 23.09 0.43 26.79
CA PRO C 49 22.52 -0.02 28.07
C PRO C 49 21.44 0.91 28.62
N GLU C 50 21.60 2.21 28.37
CA GLU C 50 20.64 3.24 28.77
C GLU C 50 19.21 2.90 28.31
N TYR C 51 19.06 2.36 27.09
CA TYR C 51 17.74 2.01 26.58
C TYR C 51 17.02 1.11 27.58
N TYR C 52 17.74 0.09 28.05
CA TYR C 52 17.15 -0.99 28.84
C TYR C 52 16.94 -0.59 30.29
N GLU C 53 17.65 0.44 30.70
CA GLU C 53 17.47 1.06 32.00
C GLU C 53 16.23 1.95 31.97
N LEU C 54 15.94 2.57 30.83
CA LEU C 54 14.85 3.53 30.72
C LEU C 54 13.53 2.83 30.36
N ILE C 55 13.58 1.77 29.56
CA ILE C 55 12.40 1.13 28.96
C ILE C 55 12.08 -0.18 29.68
N ARG C 56 10.91 -0.24 30.28
CA ARG C 56 10.53 -1.29 31.21
C ARG C 56 10.16 -2.55 30.42
N LYS C 57 9.55 -2.36 29.25
CA LYS C 57 9.16 -3.48 28.38
C LYS C 57 9.67 -3.23 26.96
N PRO C 58 10.91 -3.65 26.63
CA PRO C 58 11.45 -3.50 25.27
C PRO C 58 10.83 -4.36 24.17
N VAL C 59 10.63 -3.79 22.98
CA VAL C 59 10.03 -4.53 21.88
C VAL C 59 10.36 -3.90 20.52
N ASP C 60 10.47 -4.79 19.54
CA ASP C 60 10.83 -4.47 18.18
C ASP C 60 9.87 -5.21 17.26
N PHE C 61 9.89 -4.88 15.96
CA PHE C 61 8.98 -5.50 15.02
C PHE C 61 9.32 -6.98 14.89
N LYS C 62 10.62 -7.31 15.02
CA LYS C 62 11.03 -8.70 14.95
C LYS C 62 10.16 -9.50 15.91
N LYS C 63 10.05 -8.95 17.13
CA LYS C 63 9.46 -9.65 18.26
C LYS C 63 7.97 -9.86 18.00
N ILE C 64 7.36 -8.79 17.47
CA ILE C 64 5.92 -8.73 17.20
C ILE C 64 5.59 -9.77 16.14
N LYS C 65 6.47 -9.93 15.14
CA LYS C 65 6.27 -10.92 14.11
C LYS C 65 6.40 -12.32 14.72
N GLU C 66 7.19 -12.42 15.79
CA GLU C 66 7.42 -13.72 16.41
C GLU C 66 6.16 -14.13 17.15
N ARG C 67 5.41 -13.16 17.65
CA ARG C 67 4.18 -13.46 18.38
C ARG C 67 3.06 -13.83 17.42
N ILE C 68 3.09 -13.21 16.23
CA ILE C 68 2.11 -13.51 15.21
C ILE C 68 2.38 -14.91 14.68
N ARG C 69 3.66 -15.15 14.35
CA ARG C 69 4.10 -16.45 13.87
C ARG C 69 3.64 -17.55 14.81
N ASN C 70 3.87 -17.37 16.12
CA ASN C 70 3.62 -18.44 17.08
C ASN C 70 2.26 -18.25 17.76
N HIS C 71 1.35 -17.54 17.07
CA HIS C 71 -0.08 -17.57 17.32
C HIS C 71 -0.44 -17.16 18.75
N LYS C 72 0.30 -16.19 19.31
CA LYS C 72 0.23 -15.80 20.71
C LYS C 72 -0.60 -14.55 20.94
N TYR C 73 -1.01 -13.84 19.87
CA TYR C 73 -1.98 -12.75 19.96
C TYR C 73 -3.39 -13.33 19.71
N ARG C 74 -4.26 -13.22 20.72
CA ARG C 74 -5.60 -13.78 20.67
C ARG C 74 -6.54 -12.91 19.83
N SER C 75 -6.20 -11.62 19.69
CA SER C 75 -6.99 -10.69 18.90
C SER C 75 -6.08 -9.74 18.14
N LEU C 76 -6.67 -9.04 17.16
CA LEU C 76 -6.08 -7.92 16.44
C LEU C 76 -5.59 -6.83 17.38
N GLY C 77 -6.33 -6.63 18.48
CA GLY C 77 -6.08 -5.57 19.44
C GLY C 77 -4.91 -5.88 20.37
N ASP C 78 -4.63 -7.19 20.54
CA ASP C 78 -3.54 -7.63 21.38
C ASP C 78 -2.22 -7.32 20.69
N LEU C 79 -2.29 -7.35 19.35
CA LEU C 79 -1.22 -6.90 18.48
C LEU C 79 -1.05 -5.39 18.62
N GLU C 80 -2.13 -4.67 18.31
CA GLU C 80 -2.13 -3.21 18.36
C GLU C 80 -1.55 -2.76 19.70
N LYS C 81 -1.83 -3.49 20.78
CA LYS C 81 -1.26 -3.12 22.08
C LYS C 81 0.27 -3.24 22.10
N ASP C 82 0.84 -4.14 21.26
CA ASP C 82 2.29 -4.31 21.20
C ASP C 82 2.93 -3.29 20.26
N VAL C 83 2.23 -2.94 19.17
CA VAL C 83 2.65 -1.87 18.29
C VAL C 83 2.72 -0.58 19.11
N MET C 84 1.64 -0.28 19.83
CA MET C 84 1.56 1.01 20.51
C MET C 84 2.66 1.13 21.54
N LEU C 85 2.89 0.08 22.34
CA LEU C 85 4.01 -0.01 23.26
C LEU C 85 5.34 0.32 22.54
N LEU C 86 5.54 -0.27 21.36
CA LEU C 86 6.76 -0.04 20.59
C LEU C 86 6.92 1.46 20.38
N CYS C 87 5.85 2.10 19.89
CA CYS C 87 5.86 3.53 19.58
C CYS C 87 6.06 4.43 20.82
N HIS C 88 5.38 4.12 21.92
CA HIS C 88 5.57 4.78 23.20
C HIS C 88 7.02 4.64 23.67
N ASN C 89 7.57 3.43 23.60
CA ASN C 89 8.97 3.21 23.93
C ASN C 89 9.90 4.09 23.08
N ALA C 90 9.69 4.12 21.76
CA ALA C 90 10.44 5.03 20.90
C ALA C 90 10.21 6.50 21.25
N GLN C 91 9.01 6.85 21.73
CA GLN C 91 8.75 8.22 22.12
C GLN C 91 9.36 8.51 23.49
N THR C 92 9.38 7.51 24.38
CA THR C 92 9.97 7.73 25.69
C THR C 92 11.48 7.92 25.54
N PHE C 93 12.18 7.05 24.81
CA PHE C 93 13.63 7.13 24.71
C PHE C 93 14.11 8.29 23.82
N ASN C 94 13.33 8.64 22.80
CA ASN C 94 13.80 9.56 21.77
C ASN C 94 13.19 10.95 22.01
N LEU C 95 14.00 11.98 21.73
CA LEU C 95 13.63 13.37 21.93
C LEU C 95 12.37 13.68 21.12
N GLU C 96 11.44 14.44 21.72
CA GLU C 96 10.33 15.07 21.01
C GLU C 96 10.84 15.78 19.75
N GLY C 97 10.07 15.75 18.65
CA GLY C 97 10.44 16.47 17.43
C GLY C 97 11.63 15.87 16.66
N SER C 98 12.29 14.87 17.26
CA SER C 98 13.26 14.05 16.57
C SER C 98 12.54 13.17 15.54
N GLN C 99 13.28 12.66 14.57
CA GLN C 99 12.68 11.98 13.44
C GLN C 99 12.13 10.64 13.91
N ILE C 100 12.94 10.00 14.75
CA ILE C 100 12.62 8.69 15.28
C ILE C 100 11.34 8.83 16.09
N TYR C 101 11.26 9.90 16.89
CA TYR C 101 10.09 10.18 17.69
C TYR C 101 8.90 10.40 16.76
N GLU C 102 9.09 11.27 15.76
CA GLU C 102 8.09 11.68 14.79
C GLU C 102 7.71 10.57 13.82
N ASP C 103 8.59 9.57 13.61
CA ASP C 103 8.30 8.40 12.79
C ASP C 103 7.43 7.37 13.51
N SER C 104 7.48 7.34 14.85
CA SER C 104 6.66 6.41 15.60
C SER C 104 5.23 6.95 15.77
N ILE C 105 5.07 8.28 15.75
CA ILE C 105 3.74 8.84 15.72
C ILE C 105 3.07 8.40 14.41
N VAL C 106 3.74 8.63 13.27
CA VAL C 106 3.21 8.24 11.96
C VAL C 106 2.83 6.76 12.00
N LEU C 107 3.76 5.92 12.44
CA LEU C 107 3.59 4.48 12.31
C LEU C 107 2.37 4.05 13.12
N GLN C 108 2.00 4.81 14.15
CA GLN C 108 0.74 4.57 14.85
C GLN C 108 -0.41 4.74 13.83
N SER C 109 -0.40 5.84 13.08
CA SER C 109 -1.46 6.13 12.11
C SER C 109 -1.49 5.04 11.06
N VAL C 110 -0.32 4.74 10.47
CA VAL C 110 -0.22 3.74 9.42
C VAL C 110 -0.84 2.41 9.87
N PHE C 111 -0.64 2.05 11.15
CA PHE C 111 -1.09 0.78 11.69
C PHE C 111 -2.62 0.73 11.69
N LYS C 112 -3.25 1.82 12.15
CA LYS C 112 -4.69 1.87 12.26
C LYS C 112 -5.33 1.78 10.86
N SER C 113 -4.81 2.56 9.91
CA SER C 113 -5.33 2.58 8.53
C SER C 113 -5.21 1.20 7.89
N ALA C 114 -4.05 0.56 8.06
CA ALA C 114 -3.82 -0.81 7.62
C ALA C 114 -4.85 -1.76 8.24
N ARG C 115 -5.24 -1.50 9.51
CA ARG C 115 -6.22 -2.33 10.20
C ARG C 115 -7.57 -2.25 9.49
N GLN C 116 -8.02 -1.04 9.11
CA GLN C 116 -9.33 -0.90 8.49
C GLN C 116 -9.26 -1.48 7.07
N LYS C 117 -8.21 -1.11 6.31
CA LYS C 117 -7.99 -1.62 4.96
C LYS C 117 -7.98 -3.16 4.88
N ILE C 118 -7.84 -3.86 6.01
CA ILE C 118 -7.66 -5.30 6.02
C ILE C 118 -8.72 -5.98 6.91
N ALA C 119 -9.31 -5.26 7.88
CA ALA C 119 -10.27 -5.87 8.79
C ALA C 119 -11.26 -4.85 9.36
N LYS C 120 -12.31 -4.56 8.58
CA LYS C 120 -13.34 -3.59 8.95
C LYS C 120 -13.58 -3.60 10.48
#